data_4B6H
#
_entry.id   4B6H
#
_cell.length_a   76.091
_cell.length_b   97.639
_cell.length_c   109.688
_cell.angle_alpha   90.00
_cell.angle_beta   90.00
_cell.angle_gamma   90.00
#
_symmetry.space_group_name_H-M   'I 2 2 2'
#
loop_
_entity.id
_entity.type
_entity.pdbx_description
1 polymer 'MRNA-DECAPPING ENZYME 1A'
2 polymer 'PROLINE-RICH NUCLEAR RECEPTOR COACTIVATOR 2'
3 water water
#
loop_
_entity_poly.entity_id
_entity_poly.type
_entity_poly.pdbx_seq_one_letter_code
_entity_poly.pdbx_strand_id
1 'polypeptide(L)'
;MADLMEALSRAGQEMSLAALKQHDPYITSIADLTGQVALYTFCPKANQWEKTDIEGTLFVYRRSASPYHGFTIVNRLNMH
NLVEPVNKDLEFQLHEPFLLYRNASLSIYSIWFYDKNDCHRIAKLMADVVEEET
;
A,B
2 'polypeptide(L)'
;MGSSHHHHHHSQDPMGGGERYNIPAPQSRNVSKNQQQLNRQKTKEQNSQMKIVHKKKERGHGYNSSAAAWQAMQNGGKNK
NFPNNQSWNSSLSGPRLLFKSQANQNYAGAKFSEPPSPSVLPKPPSHWVPVSFNP
;
C,D
#
# COMPACT_ATOMS: atom_id res chain seq x y z
N LEU A 4 -7.21 25.58 19.92
CA LEU A 4 -6.46 25.87 18.71
C LEU A 4 -5.40 24.83 18.40
N MET A 5 -4.66 24.43 19.42
CA MET A 5 -3.70 23.36 19.28
C MET A 5 -4.43 22.15 18.75
N GLU A 6 -5.70 21.97 19.15
CA GLU A 6 -6.48 20.83 18.69
C GLU A 6 -7.18 21.11 17.35
N ALA A 7 -7.27 22.37 16.97
CA ALA A 7 -7.83 22.69 15.69
C ALA A 7 -6.86 22.20 14.61
N LEU A 8 -5.59 22.54 14.78
CA LEU A 8 -4.54 22.08 13.88
C LEU A 8 -4.35 20.57 14.01
N SER A 9 -4.57 20.05 15.21
CA SER A 9 -4.54 18.61 15.42
C SER A 9 -5.58 17.96 14.52
N ARG A 10 -6.84 18.34 14.66
CA ARG A 10 -7.86 17.84 13.76
C ARG A 10 -7.43 18.02 12.31
N ALA A 11 -6.83 19.18 12.02
CA ALA A 11 -6.42 19.48 10.66
C ALA A 11 -5.44 18.44 10.11
N GLY A 12 -4.37 18.18 10.86
CA GLY A 12 -3.30 17.30 10.41
C GLY A 12 -3.73 15.85 10.33
N GLN A 13 -4.84 15.53 10.98
CA GLN A 13 -5.39 14.19 10.91
C GLN A 13 -6.21 14.10 9.64
N GLU A 14 -6.67 15.26 9.16
CA GLU A 14 -7.36 15.31 7.88
C GLU A 14 -6.34 15.18 6.74
N MET A 15 -5.23 15.91 6.85
CA MET A 15 -4.16 15.86 5.85
C MET A 15 -3.46 14.49 5.81
N SER A 16 -3.29 13.88 6.99
CA SER A 16 -2.68 12.56 7.11
C SER A 16 -3.48 11.48 6.40
N LEU A 17 -4.80 11.48 6.61
CA LEU A 17 -5.67 10.57 5.88
C LEU A 17 -5.41 10.68 4.39
N ALA A 18 -5.45 11.92 3.90
CA ALA A 18 -5.24 12.18 2.47
C ALA A 18 -3.87 11.71 1.98
N ALA A 19 -2.81 12.00 2.73
CA ALA A 19 -1.49 11.53 2.35
C ALA A 19 -1.46 10.00 2.29
N LEU A 20 -2.13 9.36 3.24
CA LEU A 20 -2.26 7.91 3.29
C LEU A 20 -2.96 7.41 2.04
N LYS A 21 -3.91 8.20 1.55
CA LYS A 21 -4.71 7.80 0.39
C LYS A 21 -3.99 7.95 -0.93
N GLN A 22 -3.07 8.91 -1.02
CA GLN A 22 -2.39 9.14 -2.28
C GLN A 22 -1.41 7.99 -2.57
N HIS A 23 -1.14 7.20 -1.54
CA HIS A 23 -0.20 6.10 -1.63
C HIS A 23 -0.97 4.79 -1.66
N ASP A 24 -2.24 4.86 -1.28
CA ASP A 24 -3.13 3.71 -1.27
C ASP A 24 -4.60 4.12 -1.15
N PRO A 25 -5.28 4.21 -2.30
CA PRO A 25 -6.64 4.74 -2.54
C PRO A 25 -7.79 3.86 -2.06
N TYR A 26 -7.51 2.65 -1.58
CA TYR A 26 -8.57 1.79 -1.10
C TYR A 26 -8.92 2.22 0.31
N ILE A 27 -8.17 3.19 0.79
CA ILE A 27 -8.30 3.71 2.16
C ILE A 27 -9.44 4.70 2.32
N THR A 28 -10.31 4.42 3.28
CA THR A 28 -11.53 5.20 3.50
C THR A 28 -11.43 6.09 4.74
N SER A 29 -10.83 5.58 5.80
CA SER A 29 -10.85 6.32 7.06
C SER A 29 -9.85 5.84 8.07
N ILE A 30 -9.47 6.74 8.95
CA ILE A 30 -8.64 6.40 10.10
C ILE A 30 -9.51 5.90 11.25
N ALA A 31 -9.30 4.65 11.66
CA ALA A 31 -10.00 4.08 12.80
C ALA A 31 -9.46 4.57 14.16
N ASP A 32 -8.15 4.84 14.24
CA ASP A 32 -7.59 5.32 15.49
C ASP A 32 -6.19 5.81 15.17
N LEU A 33 -5.66 6.71 16.00
CA LEU A 33 -4.28 7.09 15.88
C LEU A 33 -3.71 7.33 17.29
N THR A 34 -2.40 7.47 17.38
CA THR A 34 -1.76 7.72 18.67
C THR A 34 -0.88 8.95 18.61
N GLY A 35 -0.42 9.37 19.79
CA GLY A 35 0.69 10.29 19.88
C GLY A 35 1.98 9.60 19.48
N GLN A 36 2.97 9.65 20.35
CA GLN A 36 4.29 9.13 20.02
C GLN A 36 4.41 7.63 20.18
N VAL A 37 4.93 7.00 19.15
CA VAL A 37 5.29 5.59 19.23
C VAL A 37 6.64 5.47 18.59
N ALA A 38 7.39 4.44 18.98
CA ALA A 38 8.69 4.17 18.39
C ALA A 38 8.83 2.68 18.08
N LEU A 39 9.49 2.38 16.96
CA LEU A 39 9.58 1.01 16.48
C LEU A 39 10.89 0.33 16.84
N TYR A 40 10.78 -0.92 17.34
CA TYR A 40 11.92 -1.81 17.54
C TYR A 40 11.76 -3.14 16.81
N THR A 41 12.87 -3.72 16.36
CA THR A 41 12.86 -5.04 15.74
C THR A 41 13.68 -6.02 16.56
N PHE A 42 13.24 -7.28 16.60
CA PHE A 42 13.98 -8.27 17.36
C PHE A 42 15.01 -8.97 16.47
N CYS A 43 16.26 -9.01 16.92
CA CYS A 43 17.28 -9.78 16.21
C CYS A 43 17.49 -11.13 16.86
N PRO A 44 17.11 -12.22 16.17
CA PRO A 44 17.25 -13.57 16.73
C PRO A 44 18.72 -13.97 16.84
N LYS A 45 19.48 -13.78 15.77
CA LYS A 45 20.88 -14.14 15.77
C LYS A 45 21.56 -13.61 17.04
N ALA A 46 21.46 -12.31 17.27
CA ALA A 46 22.07 -11.70 18.46
C ALA A 46 21.21 -11.86 19.72
N ASN A 47 19.94 -12.21 19.52
CA ASN A 47 19.02 -12.44 20.62
C ASN A 47 18.65 -11.22 21.45
N GLN A 48 18.59 -10.04 20.84
CA GLN A 48 18.12 -8.89 21.59
C GLN A 48 17.39 -7.90 20.70
N TRP A 49 16.76 -6.92 21.33
CA TRP A 49 16.00 -5.92 20.60
C TRP A 49 16.93 -4.86 20.00
N GLU A 50 16.48 -4.26 18.92
CA GLU A 50 17.29 -3.30 18.21
C GLU A 50 16.43 -2.13 17.76
N LYS A 51 16.93 -0.92 17.98
CA LYS A 51 16.22 0.29 17.58
C LYS A 51 16.10 0.32 16.07
N THR A 52 15.06 1.00 15.60
CA THR A 52 14.95 1.33 14.18
C THR A 52 15.06 2.84 14.00
N ASP A 53 14.97 3.32 12.78
CA ASP A 53 14.98 4.76 12.57
C ASP A 53 13.54 5.29 12.53
N ILE A 54 12.60 4.47 13.00
CA ILE A 54 11.19 4.79 12.92
C ILE A 54 10.56 5.19 14.26
N GLU A 55 9.97 6.38 14.26
CA GLU A 55 9.42 6.99 15.44
C GLU A 55 8.49 8.08 14.95
N GLY A 56 7.27 8.11 15.46
CA GLY A 56 6.30 9.08 15.00
C GLY A 56 4.88 8.72 15.38
N THR A 57 3.94 8.98 14.48
CA THR A 57 2.53 8.78 14.80
C THR A 57 2.03 7.49 14.16
N LEU A 58 1.21 6.75 14.91
CA LEU A 58 0.64 5.51 14.41
C LEU A 58 -0.84 5.67 14.02
N PHE A 59 -1.15 5.28 12.80
CA PHE A 59 -2.50 5.39 12.28
C PHE A 59 -3.02 4.00 12.00
N VAL A 60 -4.21 3.70 12.49
CA VAL A 60 -4.89 2.49 12.04
C VAL A 60 -6.04 2.92 11.12
N TYR A 61 -6.06 2.39 9.92
CA TYR A 61 -7.04 2.78 8.93
C TYR A 61 -7.81 1.61 8.33
N ARG A 62 -8.97 1.93 7.75
CA ARG A 62 -9.81 0.95 7.09
C ARG A 62 -9.66 1.02 5.57
N ARG A 63 -9.86 -0.10 4.90
CA ARG A 63 -9.77 -0.12 3.44
C ARG A 63 -11.04 -0.67 2.78
N SER A 64 -11.38 -0.11 1.63
CA SER A 64 -12.52 -0.56 0.83
C SER A 64 -12.15 -1.75 -0.04
N ALA A 65 -11.47 -2.71 0.55
CA ALA A 65 -11.05 -3.91 -0.16
C ALA A 65 -10.02 -4.65 0.68
N SER A 66 -10.06 -5.97 0.65
CA SER A 66 -9.17 -6.76 1.49
C SER A 66 -7.70 -6.54 1.12
N PRO A 67 -6.83 -6.47 2.13
CA PRO A 67 -7.16 -6.54 3.57
C PRO A 67 -7.83 -5.25 4.06
N TYR A 68 -8.96 -5.38 4.74
CA TYR A 68 -9.79 -4.24 5.07
C TYR A 68 -9.24 -3.34 6.18
N HIS A 69 -8.09 -3.72 6.73
CA HIS A 69 -7.41 -2.88 7.74
C HIS A 69 -5.91 -2.84 7.50
N GLY A 70 -5.31 -1.74 7.92
CA GLY A 70 -3.87 -1.62 7.83
C GLY A 70 -3.42 -0.65 8.88
N PHE A 71 -2.10 -0.62 9.13
CA PHE A 71 -1.58 0.40 10.01
C PHE A 71 -0.22 0.87 9.54
N THR A 72 0.08 2.13 9.84
CA THR A 72 1.32 2.76 9.39
C THR A 72 1.89 3.62 10.49
N ILE A 73 3.22 3.67 10.59
CA ILE A 73 3.86 4.67 11.43
C ILE A 73 4.49 5.70 10.52
N VAL A 74 3.93 6.90 10.52
CA VAL A 74 4.53 7.98 9.76
C VAL A 74 5.64 8.53 10.63
N ASN A 75 6.84 8.46 10.09
CA ASN A 75 8.07 8.87 10.78
C ASN A 75 8.24 10.38 10.93
N ARG A 76 8.72 10.81 12.09
CA ARG A 76 9.18 12.20 12.36
C ARG A 76 10.62 12.46 11.91
N ASN A 78 12.90 11.09 10.23
CA ASN A 78 12.99 11.13 8.76
C ASN A 78 11.73 10.69 8.00
N MET A 79 11.88 10.47 6.70
CA MET A 79 10.78 10.09 5.79
C MET A 79 10.49 8.60 5.51
N HIS A 80 11.08 7.68 6.26
CA HIS A 80 10.79 6.27 6.05
C HIS A 80 9.68 5.75 6.96
N ASN A 81 8.58 5.31 6.37
CA ASN A 81 7.42 4.90 7.15
C ASN A 81 7.39 3.41 7.47
N LEU A 82 6.65 3.05 8.49
CA LEU A 82 6.26 1.67 8.65
C LEU A 82 4.88 1.46 8.01
N VAL A 83 4.75 0.42 7.19
CA VAL A 83 3.45 0.09 6.62
C VAL A 83 3.20 -1.41 6.75
N GLU A 84 2.01 -1.74 7.22
CA GLU A 84 1.70 -3.09 7.64
C GLU A 84 0.22 -3.36 7.41
N PRO A 85 -0.12 -4.40 6.62
CA PRO A 85 -1.51 -4.78 6.39
C PRO A 85 -2.04 -5.63 7.53
N VAL A 86 -3.32 -5.50 7.87
CA VAL A 86 -3.90 -6.32 8.92
C VAL A 86 -4.54 -7.57 8.33
N ASN A 87 -3.70 -8.54 7.98
CA ASN A 87 -4.18 -9.89 7.65
C ASN A 87 -4.06 -10.90 8.82
N LYS A 88 -4.49 -12.13 8.59
CA LYS A 88 -4.48 -13.15 9.63
C LYS A 88 -3.10 -13.77 9.92
N ASP A 89 -2.07 -13.35 9.18
CA ASP A 89 -0.72 -13.81 9.48
C ASP A 89 -0.06 -12.94 10.54
N LEU A 90 -0.67 -11.79 10.84
CA LEU A 90 -0.24 -10.86 11.84
C LEU A 90 -0.65 -11.37 13.21
N GLU A 91 0.31 -11.50 14.12
CA GLU A 91 -0.06 -11.87 15.48
C GLU A 91 0.57 -10.95 16.50
N PHE A 92 -0.15 -10.72 17.57
CA PHE A 92 0.24 -9.72 18.53
C PHE A 92 0.52 -10.27 19.92
N GLN A 93 1.35 -9.54 20.64
CA GLN A 93 1.46 -9.73 22.09
C GLN A 93 1.67 -8.42 22.82
N LEU A 94 0.75 -8.14 23.72
CA LEU A 94 0.77 -6.94 24.49
C LEU A 94 1.63 -7.07 25.76
N HIS A 95 2.60 -6.18 25.91
CA HIS A 95 3.35 -6.02 27.14
C HIS A 95 3.53 -4.53 27.44
N GLU A 96 2.47 -3.90 27.92
CA GLU A 96 2.44 -2.46 28.13
C GLU A 96 3.75 -1.97 28.75
N PRO A 97 4.29 -0.85 28.23
CA PRO A 97 3.71 0.00 27.18
C PRO A 97 4.17 -0.41 25.78
N PHE A 98 4.65 -1.64 25.65
CA PHE A 98 5.07 -2.17 24.37
C PHE A 98 3.97 -3.02 23.73
N LEU A 99 3.93 -3.03 22.40
CA LEU A 99 3.08 -3.96 21.69
C LEU A 99 3.91 -4.74 20.68
N LEU A 100 4.10 -6.02 20.98
CA LEU A 100 4.91 -6.88 20.14
C LEU A 100 4.07 -7.41 18.99
N TYR A 101 4.70 -7.69 17.87
CA TYR A 101 3.96 -8.31 16.79
C TYR A 101 4.87 -8.99 15.78
N ARG A 102 4.31 -10.01 15.14
CA ARG A 102 5.02 -10.77 14.12
C ARG A 102 4.17 -10.70 12.86
N ASN A 103 4.80 -10.79 11.70
CA ASN A 103 4.05 -10.75 10.45
C ASN A 103 4.37 -11.91 9.53
N ALA A 104 3.92 -11.83 8.28
CA ALA A 104 4.09 -12.94 7.33
C ALA A 104 5.55 -13.33 7.10
N SER A 105 6.42 -12.34 6.98
CA SER A 105 7.83 -12.60 6.80
C SER A 105 8.45 -13.26 8.03
N LEU A 106 7.73 -13.27 9.15
CA LEU A 106 8.23 -13.85 10.41
C LEU A 106 9.18 -12.93 11.17
N SER A 107 9.35 -11.71 10.68
CA SER A 107 10.14 -10.69 11.38
C SER A 107 9.40 -10.18 12.64
N ILE A 108 10.15 -9.93 13.71
CA ILE A 108 9.54 -9.60 14.99
C ILE A 108 9.68 -8.11 15.34
N TYR A 109 8.64 -7.53 15.92
CA TYR A 109 8.63 -6.09 16.16
C TYR A 109 8.04 -5.74 17.51
N SER A 110 8.38 -4.55 17.98
CA SER A 110 7.76 -3.99 19.16
C SER A 110 7.48 -2.51 18.92
N ILE A 111 6.24 -2.12 19.18
CA ILE A 111 5.87 -0.71 19.14
C ILE A 111 5.82 -0.21 20.57
N TRP A 112 6.71 0.70 20.90
CA TRP A 112 6.65 1.34 22.20
C TRP A 112 5.70 2.53 22.09
N PHE A 113 4.72 2.60 22.98
CA PHE A 113 3.87 3.77 23.06
C PHE A 113 4.32 4.71 24.19
N TYR A 114 4.22 6.02 23.96
CA TYR A 114 4.49 7.01 25.00
C TYR A 114 3.34 7.01 25.99
N ASP A 115 2.13 7.09 25.45
CA ASP A 115 0.90 7.10 26.23
C ASP A 115 0.44 5.64 26.33
N LYS A 116 0.35 5.12 27.53
CA LYS A 116 0.02 3.71 27.67
C LYS A 116 -1.47 3.43 27.55
N ASN A 117 -2.29 4.48 27.56
CA ASN A 117 -3.69 4.34 27.15
C ASN A 117 -3.86 4.13 25.64
N ASP A 118 -2.94 4.69 24.85
CA ASP A 118 -2.89 4.39 23.43
C ASP A 118 -2.54 2.93 23.22
N CYS A 119 -1.53 2.48 23.96
CA CYS A 119 -1.02 1.13 23.83
C CYS A 119 -2.17 0.15 24.03
N HIS A 120 -2.89 0.28 25.13
CA HIS A 120 -3.98 -0.64 25.43
C HIS A 120 -5.06 -0.56 24.36
N ARG A 121 -5.44 0.66 23.99
CA ARG A 121 -6.54 0.87 23.06
C ARG A 121 -6.27 0.34 21.66
N ILE A 122 -5.04 0.53 21.18
CA ILE A 122 -4.67 0.10 19.83
C ILE A 122 -4.54 -1.42 19.84
N ALA A 123 -3.93 -1.93 20.90
CA ALA A 123 -3.79 -3.37 21.06
C ALA A 123 -5.14 -4.04 20.99
N LYS A 124 -6.12 -3.39 21.59
CA LYS A 124 -7.46 -3.94 21.60
C LYS A 124 -8.05 -3.90 20.20
N LEU A 125 -7.83 -2.77 19.53
CA LEU A 125 -8.35 -2.55 18.18
C LEU A 125 -7.77 -3.55 17.18
N MET A 126 -6.45 -3.72 17.22
CA MET A 126 -5.76 -4.71 16.40
C MET A 126 -6.37 -6.09 16.56
N ALA A 127 -6.46 -6.51 17.80
CA ALA A 127 -6.98 -7.82 18.13
C ALA A 127 -8.37 -7.98 17.53
N ASP A 128 -9.14 -6.90 17.51
CA ASP A 128 -10.48 -6.96 16.94
C ASP A 128 -10.42 -7.14 15.43
N VAL A 129 -9.56 -6.38 14.76
CA VAL A 129 -9.45 -6.42 13.30
C VAL A 129 -8.47 -7.45 12.76
N VAL A 130 -7.98 -8.34 13.62
CA VAL A 130 -7.22 -9.51 13.19
C VAL A 130 -8.20 -10.68 13.25
N GLU A 131 -9.13 -10.56 14.19
CA GLU A 131 -10.19 -11.53 14.31
C GLU A 131 -11.15 -11.40 13.13
N GLU A 132 -10.99 -10.33 12.34
CA GLU A 132 -11.91 -10.12 11.22
C GLU A 132 -11.35 -10.38 9.83
N GLU A 133 -10.14 -10.94 9.76
CA GLU A 133 -9.57 -11.33 8.48
C GLU A 133 -9.66 -12.84 8.27
N PRO B 25 -12.71 -9.36 -2.96
CA PRO B 25 -13.29 -8.06 -3.30
C PRO B 25 -14.19 -8.08 -4.53
N TYR B 26 -15.41 -7.54 -4.36
CA TYR B 26 -16.39 -7.12 -5.37
C TYR B 26 -16.54 -5.60 -5.29
N ILE B 27 -16.51 -4.82 -6.37
CA ILE B 27 -16.46 -5.14 -7.82
C ILE B 27 -17.80 -5.54 -8.43
N THR B 28 -18.27 -4.70 -9.34
CA THR B 28 -19.59 -4.85 -9.92
C THR B 28 -19.55 -5.42 -11.34
N SER B 29 -18.73 -4.83 -12.20
CA SER B 29 -18.77 -5.24 -13.60
C SER B 29 -17.50 -4.89 -14.36
N ILE B 30 -17.32 -5.61 -15.47
CA ILE B 30 -16.25 -5.33 -16.42
C ILE B 30 -16.73 -4.31 -17.44
N ALA B 31 -16.05 -3.17 -17.50
CA ALA B 31 -16.40 -2.11 -18.45
C ALA B 31 -15.80 -2.37 -19.83
N ASP B 32 -14.71 -3.12 -19.89
CA ASP B 32 -14.05 -3.42 -21.16
C ASP B 32 -12.94 -4.43 -20.87
N LEU B 33 -12.41 -5.04 -21.91
CA LEU B 33 -11.29 -5.96 -21.77
C LEU B 33 -10.61 -6.06 -23.12
N THR B 34 -9.46 -6.72 -23.17
CA THR B 34 -8.71 -6.86 -24.42
C THR B 34 -8.24 -8.28 -24.59
N GLY B 35 -7.85 -8.61 -25.81
CA GLY B 35 -7.14 -9.84 -26.07
C GLY B 35 -5.81 -9.81 -25.34
N GLN B 36 -4.71 -9.80 -26.11
CA GLN B 36 -3.39 -9.83 -25.54
C GLN B 36 -2.79 -8.46 -25.29
N VAL B 37 -2.25 -8.29 -24.09
CA VAL B 37 -1.44 -7.14 -23.76
C VAL B 37 -0.19 -7.64 -23.08
N ALA B 38 0.85 -6.81 -23.05
CA ALA B 38 2.08 -7.17 -22.38
C ALA B 38 2.64 -5.97 -21.61
N LEU B 39 3.19 -6.23 -20.43
CA LEU B 39 3.61 -5.16 -19.54
C LEU B 39 5.11 -4.88 -19.56
N TYR B 40 5.48 -3.62 -19.75
CA TYR B 40 6.87 -3.17 -19.63
C TYR B 40 7.00 -2.10 -18.57
N THR B 41 8.11 -2.10 -17.86
CA THR B 41 8.44 -1.07 -16.88
C THR B 41 9.66 -0.27 -17.32
N PHE B 42 9.64 1.04 -17.10
CA PHE B 42 10.76 1.88 -17.47
C PHE B 42 11.77 1.93 -16.35
N CYS B 43 13.05 1.83 -16.72
CA CYS B 43 14.13 1.94 -15.74
C CYS B 43 14.81 3.30 -15.88
N ALA B 46 18.91 4.52 -15.73
CA ALA B 46 19.30 4.23 -17.11
C ALA B 46 18.28 4.81 -18.10
N GLN B 48 16.11 2.78 -19.58
CA GLN B 48 15.44 2.17 -20.72
C GLN B 48 14.29 1.27 -20.27
N TRP B 49 13.60 0.68 -21.25
CA TRP B 49 12.47 -0.18 -20.96
C TRP B 49 12.92 -1.58 -20.65
N GLU B 50 12.06 -2.33 -19.96
CA GLU B 50 12.42 -3.67 -19.53
C GLU B 50 11.17 -4.53 -19.45
N LYS B 51 11.26 -5.75 -19.98
CA LYS B 51 10.15 -6.70 -19.92
C LYS B 51 9.82 -7.05 -18.47
N THR B 52 8.58 -7.43 -18.25
CA THR B 52 8.17 -7.98 -16.96
C THR B 52 7.78 -9.45 -17.19
N ASP B 53 7.31 -10.12 -16.15
CA ASP B 53 6.80 -11.46 -16.33
C ASP B 53 5.30 -11.44 -16.48
N ILE B 54 4.76 -10.27 -16.82
CA ILE B 54 3.31 -10.11 -16.94
C ILE B 54 2.82 -9.90 -18.37
N GLU B 55 1.94 -10.78 -18.79
CA GLU B 55 1.45 -10.82 -20.14
C GLU B 55 0.15 -11.62 -20.08
N GLY B 56 -0.93 -11.07 -20.64
CA GLY B 56 -2.20 -11.77 -20.60
C GLY B 56 -3.36 -10.85 -20.95
N THR B 57 -4.49 -11.03 -20.29
CA THR B 57 -5.70 -10.31 -20.64
C THR B 57 -5.92 -9.13 -19.73
N LEU B 58 -6.28 -7.99 -20.31
CA LEU B 58 -6.49 -6.78 -19.53
C LEU B 58 -7.99 -6.51 -19.37
N PHE B 59 -8.38 -6.24 -18.14
CA PHE B 59 -9.78 -6.02 -17.81
C PHE B 59 -9.92 -4.64 -17.18
N VAL B 60 -10.91 -3.89 -17.61
CA VAL B 60 -11.25 -2.67 -16.89
C VAL B 60 -12.59 -2.89 -16.23
N TYR B 61 -12.64 -2.69 -14.91
CA TYR B 61 -13.86 -3.00 -14.17
C TYR B 61 -14.31 -1.80 -13.35
N ARG B 62 -15.51 -1.94 -12.78
CA ARG B 62 -16.11 -0.92 -11.92
C ARG B 62 -16.27 -1.44 -10.50
N ARG B 63 -16.27 -0.53 -9.53
CA ARG B 63 -16.48 -0.93 -8.15
C ARG B 63 -17.56 -0.11 -7.47
N SER B 64 -18.34 -0.78 -6.60
CA SER B 64 -19.36 -0.11 -5.80
C SER B 64 -18.74 0.61 -4.57
N ALA B 65 -17.69 1.39 -4.80
CA ALA B 65 -17.04 2.14 -3.73
C ALA B 65 -15.71 2.62 -4.24
N SER B 66 -15.31 3.81 -3.80
CA SER B 66 -14.08 4.40 -4.33
C SER B 66 -12.83 3.59 -3.93
N PRO B 67 -11.88 3.44 -4.86
CA PRO B 67 -11.91 3.98 -6.23
C PRO B 67 -12.86 3.18 -7.12
N TYR B 68 -13.77 3.88 -7.81
CA TYR B 68 -14.86 3.22 -8.54
C TYR B 68 -14.41 2.50 -9.83
N HIS B 69 -13.14 2.62 -10.19
CA HIS B 69 -12.60 1.94 -11.37
C HIS B 69 -11.25 1.37 -11.10
N GLY B 70 -10.94 0.26 -11.75
CA GLY B 70 -9.64 -0.34 -11.62
C GLY B 70 -9.37 -1.15 -12.85
N PHE B 71 -8.10 -1.44 -13.13
CA PHE B 71 -7.80 -2.46 -14.14
C PHE B 71 -6.78 -3.49 -13.67
N THR B 72 -6.84 -4.65 -14.30
CA THR B 72 -5.99 -5.77 -13.92
C THR B 72 -5.51 -6.48 -15.17
N ILE B 73 -4.29 -7.01 -15.10
CA ILE B 73 -3.84 -7.92 -16.14
C ILE B 73 -3.77 -9.28 -15.52
N VAL B 74 -4.71 -10.16 -15.90
CA VAL B 74 -4.63 -11.55 -15.47
C VAL B 74 -3.62 -12.29 -16.34
N ASN B 75 -2.52 -12.67 -15.72
CA ASN B 75 -1.36 -13.24 -16.40
C ASN B 75 -1.66 -14.60 -17.03
N ASN B 78 1.24 -16.23 -16.43
CA ASN B 78 1.20 -16.99 -15.17
C ASN B 78 0.54 -16.25 -13.99
N MET B 79 0.82 -16.69 -12.76
CA MET B 79 0.18 -16.08 -11.59
C MET B 79 0.93 -14.85 -11.10
N ASN B 81 -0.39 -11.44 -11.29
CA ASN B 81 -1.29 -10.46 -11.91
C ASN B 81 -0.80 -9.03 -11.84
N LEU B 82 -1.33 -8.18 -12.70
CA LEU B 82 -1.18 -6.74 -12.49
C LEU B 82 -2.49 -6.23 -11.93
N VAL B 83 -2.42 -5.43 -10.87
CA VAL B 83 -3.62 -4.78 -10.36
C VAL B 83 -3.37 -3.33 -10.03
N GLU B 84 -4.29 -2.48 -10.46
CA GLU B 84 -4.06 -1.05 -10.49
C GLU B 84 -5.40 -0.34 -10.35
N PRO B 85 -5.52 0.54 -9.35
CA PRO B 85 -6.74 1.36 -9.19
C PRO B 85 -6.75 2.51 -10.19
N VAL B 86 -7.90 2.92 -10.68
CA VAL B 86 -7.99 4.11 -11.51
C VAL B 86 -8.36 5.38 -10.73
N ASN B 87 -7.47 5.81 -9.83
CA ASN B 87 -7.60 7.09 -9.15
C ASN B 87 -6.98 8.24 -9.95
N LYS B 88 -6.94 9.43 -9.36
CA LYS B 88 -6.39 10.60 -10.04
C LYS B 88 -4.86 10.67 -9.98
N ASP B 89 -4.21 9.71 -9.34
CA ASP B 89 -2.76 9.73 -9.25
C ASP B 89 -2.20 8.98 -10.42
N LEU B 90 -3.09 8.33 -11.15
CA LEU B 90 -2.74 7.60 -12.36
C LEU B 90 -2.66 8.56 -13.56
N GLU B 91 -1.53 8.61 -14.22
CA GLU B 91 -1.47 9.40 -15.43
C GLU B 91 -0.99 8.59 -16.65
N PHE B 92 -1.55 8.93 -17.80
CA PHE B 92 -1.35 8.15 -19.01
C PHE B 92 -0.64 8.90 -20.10
N GLN B 93 0.04 8.16 -20.97
CA GLN B 93 0.44 8.67 -22.25
C GLN B 93 0.30 7.64 -23.36
N LEU B 94 -0.56 7.97 -24.31
CA LEU B 94 -0.87 7.07 -25.39
C LEU B 94 0.15 7.19 -26.52
N HIS B 95 0.87 6.11 -26.76
CA HIS B 95 1.70 5.99 -27.96
C HIS B 95 1.40 4.67 -28.67
N GLU B 96 0.26 4.61 -29.35
CA GLU B 96 -0.21 3.37 -29.98
C GLU B 96 0.93 2.64 -30.69
N PRO B 97 1.01 1.31 -30.50
CA PRO B 97 0.04 0.49 -29.76
C PRO B 97 0.40 0.35 -28.30
N PHE B 98 1.23 1.27 -27.79
CA PHE B 98 1.66 1.27 -26.41
C PHE B 98 0.85 2.26 -25.57
N LEU B 99 0.52 1.86 -24.35
CA LEU B 99 -0.10 2.78 -23.41
C LEU B 99 0.81 2.94 -22.22
N LEU B 100 1.37 4.13 -22.07
CA LEU B 100 2.26 4.42 -20.97
C LEU B 100 1.49 4.93 -19.76
N TYR B 101 1.92 4.56 -18.57
CA TYR B 101 1.29 5.14 -17.39
C TYR B 101 2.20 5.20 -16.20
N ARG B 102 1.88 6.11 -15.30
CA ARG B 102 2.63 6.34 -14.08
C ARG B 102 1.63 6.32 -12.93
N ASN B 103 1.99 5.70 -11.82
CA ASN B 103 1.09 5.67 -10.66
C ASN B 103 1.65 6.38 -9.42
N ALA B 104 0.99 6.21 -8.28
CA ALA B 104 1.36 6.94 -7.09
C ALA B 104 2.81 6.65 -6.67
N SER B 105 3.26 5.43 -6.93
CA SER B 105 4.62 5.04 -6.57
C SER B 105 5.63 5.66 -7.51
N LEU B 106 5.15 6.39 -8.50
CA LEU B 106 6.05 7.05 -9.46
C LEU B 106 6.76 6.07 -10.40
N SER B 107 6.44 4.79 -10.28
CA SER B 107 6.98 3.78 -11.20
C SER B 107 6.38 3.95 -12.58
N ILE B 108 7.13 3.63 -13.63
CA ILE B 108 6.68 3.88 -15.00
C ILE B 108 6.46 2.60 -15.83
N TYR B 109 5.31 2.49 -16.48
CA TYR B 109 4.96 1.27 -17.19
C TYR B 109 4.55 1.50 -18.64
N SER B 110 4.48 0.41 -19.39
CA SER B 110 3.96 0.45 -20.74
C SER B 110 3.16 -0.83 -21.00
N ILE B 111 1.90 -0.68 -21.36
CA ILE B 111 1.10 -1.82 -21.76
C ILE B 111 1.05 -1.88 -23.29
N TRP B 112 1.65 -2.91 -23.85
CA TRP B 112 1.59 -3.10 -25.28
C TRP B 112 0.30 -3.85 -25.59
N PHE B 113 -0.43 -3.39 -26.60
CA PHE B 113 -1.61 -4.14 -27.03
C PHE B 113 -1.35 -4.83 -28.36
N TYR B 114 -1.81 -6.06 -28.48
CA TYR B 114 -1.73 -6.78 -29.75
C TYR B 114 -2.64 -6.11 -30.77
N ASP B 115 -3.86 -5.81 -30.32
CA ASP B 115 -4.86 -5.14 -31.12
C ASP B 115 -4.76 -3.66 -30.80
N LYS B 116 -4.47 -2.85 -31.81
CA LYS B 116 -4.27 -1.42 -31.54
C LYS B 116 -5.57 -0.64 -31.44
N ASN B 117 -6.68 -1.21 -31.91
CA ASN B 117 -8.00 -0.66 -31.62
C ASN B 117 -8.36 -0.79 -30.13
N ASP B 118 -7.99 -1.90 -29.49
CA ASP B 118 -8.12 -2.05 -28.04
C ASP B 118 -7.32 -0.96 -27.35
N CYS B 119 -6.06 -0.85 -27.72
CA CYS B 119 -5.21 0.14 -27.09
C CYS B 119 -5.91 1.49 -27.15
N HIS B 120 -6.38 1.89 -28.34
CA HIS B 120 -6.98 3.21 -28.46
C HIS B 120 -8.22 3.33 -27.58
N ARG B 121 -9.08 2.30 -27.63
CA ARG B 121 -10.36 2.34 -26.93
C ARG B 121 -10.23 2.29 -25.39
N ILE B 122 -9.26 1.52 -24.89
CA ILE B 122 -9.01 1.41 -23.45
C ILE B 122 -8.38 2.69 -22.93
N ALA B 123 -7.34 3.17 -23.62
CA ALA B 123 -6.70 4.44 -23.24
C ALA B 123 -7.73 5.56 -23.16
N LYS B 124 -8.64 5.60 -24.13
CA LYS B 124 -9.70 6.59 -24.11
C LYS B 124 -10.58 6.40 -22.87
N LEU B 125 -10.91 5.15 -22.54
CA LEU B 125 -11.76 4.84 -21.40
C LEU B 125 -11.11 5.28 -20.10
N MET B 126 -9.92 4.76 -19.81
CA MET B 126 -9.12 5.18 -18.65
C MET B 126 -9.03 6.70 -18.53
N ALA B 127 -8.71 7.36 -19.65
CA ALA B 127 -8.64 8.80 -19.69
C ALA B 127 -9.95 9.45 -19.24
N ASP B 128 -11.09 8.91 -19.67
CA ASP B 128 -12.38 9.43 -19.20
C ASP B 128 -12.51 9.20 -17.70
N VAL B 129 -12.33 7.96 -17.24
CA VAL B 129 -12.55 7.63 -15.83
C VAL B 129 -11.42 8.07 -14.89
N VAL B 130 -10.58 8.99 -15.36
CA VAL B 130 -9.56 9.61 -14.52
C VAL B 130 -9.87 11.10 -14.40
N GLU B 131 -9.90 11.85 -15.38
N PRO C 116 12.28 7.49 24.96
CA PRO C 116 12.19 6.28 24.14
C PRO C 116 13.16 5.19 24.62
N SER C 117 12.64 4.26 25.41
CA SER C 117 13.43 3.20 26.09
C SER C 117 14.71 2.65 25.39
N PRO C 118 15.78 2.39 26.17
CA PRO C 118 16.86 1.76 25.41
C PRO C 118 16.35 0.43 24.92
N SER C 119 16.83 0.02 23.76
CA SER C 119 16.51 -1.31 23.31
C SER C 119 16.78 -2.33 24.44
N VAL C 120 15.89 -2.35 25.42
CA VAL C 120 15.90 -3.36 26.48
C VAL C 120 14.46 -3.77 26.80
N LEU C 121 13.73 -4.10 25.75
CA LEU C 121 12.34 -4.47 25.87
C LEU C 121 12.26 -5.93 26.34
N PRO C 122 11.04 -6.41 26.58
CA PRO C 122 10.88 -7.82 26.98
C PRO C 122 11.11 -8.75 25.79
N LYS C 123 11.39 -10.02 26.09
CA LYS C 123 11.63 -11.00 25.05
C LYS C 123 10.32 -11.38 24.32
N PRO C 124 10.43 -11.66 23.01
CA PRO C 124 9.24 -12.11 22.26
C PRO C 124 8.84 -13.49 22.70
N PRO C 125 7.58 -13.88 22.46
CA PRO C 125 7.18 -15.25 22.79
C PRO C 125 8.22 -16.22 22.26
N SER C 126 8.64 -17.14 23.13
CA SER C 126 9.62 -18.16 22.79
C SER C 126 9.41 -18.76 21.40
N HIS C 127 8.18 -19.13 21.07
CA HIS C 127 7.93 -19.79 19.79
C HIS C 127 8.11 -18.92 18.55
N TRP C 128 8.23 -17.61 18.72
CA TRP C 128 8.45 -16.72 17.58
C TRP C 128 9.90 -16.81 17.11
N VAL C 129 10.77 -17.33 17.96
CA VAL C 129 12.19 -17.43 17.63
C VAL C 129 12.60 -18.86 17.27
N PRO C 130 12.49 -19.29 16.12
N PRO D 116 5.49 -9.98 -28.81
CA PRO D 116 5.46 -8.87 -27.86
C PRO D 116 6.70 -7.99 -28.02
N SER D 117 6.52 -6.81 -28.62
CA SER D 117 7.64 -5.95 -28.98
C SER D 117 8.87 -6.11 -28.09
N SER D 119 11.85 -4.72 -26.75
CA SER D 119 11.73 -3.50 -25.96
C SER D 119 12.37 -2.33 -26.71
N VAL D 120 11.58 -1.69 -27.56
CA VAL D 120 11.97 -0.46 -28.24
C VAL D 120 10.76 0.46 -28.39
N LEU D 121 10.16 0.76 -27.25
CA LEU D 121 8.97 1.60 -27.21
C LEU D 121 9.39 3.07 -27.25
N PRO D 122 8.40 3.97 -27.34
CA PRO D 122 8.71 5.41 -27.33
C PRO D 122 9.09 5.88 -25.94
N LYS D 123 9.86 6.96 -25.87
CA LYS D 123 10.24 7.50 -24.56
C LYS D 123 9.03 8.08 -23.81
N PRO D 124 9.06 7.96 -22.47
CA PRO D 124 8.01 8.61 -21.65
C PRO D 124 8.14 10.13 -21.67
N PRO D 125 7.03 10.84 -21.39
CA PRO D 125 7.15 12.29 -21.32
C PRO D 125 8.37 12.69 -20.51
N SER D 126 9.17 13.58 -21.07
CA SER D 126 10.38 14.06 -20.39
C SER D 126 10.17 14.32 -18.90
N HIS D 127 9.13 15.06 -18.54
CA HIS D 127 8.96 15.45 -17.13
C HIS D 127 8.65 14.28 -16.19
N TRP D 128 8.38 13.09 -16.73
CA TRP D 128 8.15 11.92 -15.88
C TRP D 128 9.46 11.40 -15.32
N VAL D 129 10.57 11.79 -15.94
CA VAL D 129 11.87 11.30 -15.49
C VAL D 129 12.66 12.40 -14.76
N PRO D 130 12.57 12.51 -13.53
#